data_6A1R
#
_entry.id   6A1R
#
_cell.length_a   138.124
_cell.length_b   138.124
_cell.length_c   112.169
_cell.angle_alpha   90.00
_cell.angle_beta   90.00
_cell.angle_gamma   90.00
#
_symmetry.space_group_name_H-M   'I 4 2 2'
#
loop_
_entity.id
_entity.type
_entity.pdbx_description
1 polymer '4-hydroxymandelate oxidase'
2 non-polymer 1-deoxy-1-[7,8-dimethyl-2,4-dioxo-5-(phenylacetyl)-1,3,4,5-tetrahydrobenzo[g]pteridin-10(2H)-yl]-5-O-phosphono-D-ribitol
3 non-polymer 'MAGNESIUM ION'
4 water water
#
_entity_poly.entity_id   1
_entity_poly.type   'polypeptide(L)'
_entity_poly.pdbx_seq_one_letter_code
;MGSSHHHHHHSSGLVPRGSHMTYVSLADLERAARDVLPGEIFDFLAGGSGTEASLVANRTALERVFVIPRMLRDLTDVTT
EIDIFGRRAALPMAVAPVAYQRLFHPEGELAVARAARDAGVPYTICTLSSVSLEEIAAVGGRPWFQLFWLRDEKRSLDLV
RRAEDAGCEAIVFTVDVPWMGRRLRDMRNGFALPEWVTAANFDAGTAAHRRTQGVSAVADHTAREFAPATWESVEAVRAH
TDLPVVLKGILAVEDARRAVDAGAGGIVVSNHGGRQLDGAVPGIEMLGEIVAAVSGGCEVLVDGGIRSGGDVLKATALGA
SAVLVGRPVMWALAAAGQDGVRQLLELLAEEVRDAMGLAGCESVGAARRLNTKLGVV
;
_entity_poly.pdbx_strand_id   A
#
loop_
_chem_comp.id
_chem_comp.type
_chem_comp.name
_chem_comp.formula
9OC non-polymer 1-deoxy-1-[7,8-dimethyl-2,4-dioxo-5-(phenylacetyl)-1,3,4,5-tetrahydrobenzo[g]pteridin-10(2H)-yl]-5-O-phosphono-D-ribitol 'C25 H29 N4 O10 P'
MG non-polymer 'MAGNESIUM ION' 'Mg 2'
#
# COMPACT_ATOMS: atom_id res chain seq x y z
N THR A 22 -9.64 -19.70 -13.64
CA THR A 22 -9.20 -18.35 -13.92
C THR A 22 -9.84 -17.41 -12.90
N TYR A 23 -9.10 -16.40 -12.48
CA TYR A 23 -9.72 -15.33 -11.72
C TYR A 23 -9.95 -14.19 -12.70
N VAL A 24 -11.15 -13.63 -12.73
CA VAL A 24 -11.38 -12.53 -13.65
C VAL A 24 -11.53 -11.19 -12.94
N SER A 25 -11.51 -11.18 -11.61
CA SER A 25 -11.59 -9.99 -10.78
C SER A 25 -10.90 -10.29 -9.45
N LEU A 26 -10.55 -9.22 -8.74
CA LEU A 26 -9.96 -9.43 -7.42
C LEU A 26 -10.97 -10.01 -6.46
N ALA A 27 -12.27 -9.78 -6.70
CA ALA A 27 -13.28 -10.38 -5.83
C ALA A 27 -13.30 -11.90 -5.95
N ASP A 28 -12.95 -12.44 -7.11
CA ASP A 28 -12.81 -13.89 -7.20
C ASP A 28 -11.77 -14.41 -6.22
N LEU A 29 -10.67 -13.66 -6.04
CA LEU A 29 -9.63 -14.11 -5.09
C LEU A 29 -10.12 -14.01 -3.65
N GLU A 30 -10.89 -12.97 -3.31
CA GLU A 30 -11.42 -12.93 -1.95
C GLU A 30 -12.24 -14.18 -1.65
N ARG A 31 -13.08 -14.59 -2.61
CA ARG A 31 -13.92 -15.76 -2.38
C ARG A 31 -13.07 -17.01 -2.18
N ALA A 32 -12.03 -17.15 -3.02
CA ALA A 32 -11.10 -18.28 -2.87
C ALA A 32 -10.39 -18.26 -1.52
N ALA A 33 -9.95 -17.07 -1.07
CA ALA A 33 -9.25 -17.07 0.23
C ALA A 33 -10.18 -17.39 1.39
N ARG A 34 -11.44 -16.96 1.30
CA ARG A 34 -12.38 -17.27 2.36
C ARG A 34 -12.64 -18.76 2.44
N ASP A 35 -12.63 -19.44 1.30
CA ASP A 35 -12.76 -20.90 1.34
C ASP A 35 -11.60 -21.57 2.07
N VAL A 36 -10.35 -21.15 1.81
CA VAL A 36 -9.19 -21.89 2.32
CA VAL A 36 -9.22 -21.91 2.33
C VAL A 36 -8.79 -21.48 3.73
N LEU A 37 -8.91 -20.19 4.11
CA LEU A 37 -8.33 -19.85 5.39
C LEU A 37 -9.22 -20.20 6.59
N PRO A 38 -8.63 -20.52 7.72
CA PRO A 38 -9.39 -20.58 8.98
C PRO A 38 -10.11 -19.27 9.20
N GLY A 39 -11.32 -19.37 9.73
CA GLY A 39 -12.15 -18.18 9.92
C GLY A 39 -11.45 -17.08 10.71
N GLU A 40 -10.71 -17.45 11.75
CA GLU A 40 -10.16 -16.39 12.60
C GLU A 40 -9.01 -15.69 11.90
N ILE A 41 -8.31 -16.40 11.00
CA ILE A 41 -7.28 -15.77 10.18
C ILE A 41 -7.91 -14.92 9.09
N PHE A 42 -8.97 -15.41 8.44
CA PHE A 42 -9.66 -14.56 7.48
C PHE A 42 -10.17 -13.31 8.17
N ASP A 43 -10.62 -13.42 9.43
CA ASP A 43 -11.12 -12.21 10.11
C ASP A 43 -9.99 -11.25 10.51
N PHE A 44 -8.80 -11.77 10.92
CA PHE A 44 -7.66 -10.90 11.18
C PHE A 44 -7.33 -10.10 9.92
N LEU A 45 -7.40 -10.76 8.76
CA LEU A 45 -7.10 -10.10 7.47
C LEU A 45 -8.20 -9.12 7.07
N ALA A 46 -9.46 -9.54 7.12
CA ALA A 46 -10.55 -8.73 6.57
C ALA A 46 -10.95 -7.57 7.46
N GLY A 47 -10.83 -7.76 8.78
CA GLY A 47 -11.48 -6.84 9.72
C GLY A 47 -10.87 -5.45 9.81
N GLY A 48 -11.67 -4.56 10.42
CA GLY A 48 -11.18 -3.20 10.73
C GLY A 48 -11.39 -2.95 12.21
N SER A 49 -11.18 -1.70 12.66
CA SER A 49 -11.41 -1.37 14.06
C SER A 49 -12.85 -0.94 14.30
N GLY A 50 -13.26 -1.08 15.57
CA GLY A 50 -14.55 -0.54 15.97
C GLY A 50 -15.72 -1.10 15.16
N THR A 51 -16.58 -0.18 14.71
CA THR A 51 -17.75 -0.52 13.90
C THR A 51 -17.42 -0.78 12.44
N GLU A 52 -16.13 -0.72 12.08
CA GLU A 52 -15.65 -0.86 10.71
C GLU A 52 -16.22 0.20 9.78
N ALA A 53 -16.50 1.39 10.35
CA ALA A 53 -16.97 2.50 9.53
C ALA A 53 -15.93 2.90 8.48
N SER A 54 -14.65 2.97 8.87
CA SER A 54 -13.63 3.40 7.91
C SER A 54 -13.31 2.31 6.90
N LEU A 55 -13.37 1.05 7.32
CA LEU A 55 -13.20 -0.07 6.38
C LEU A 55 -14.23 -0.02 5.26
N VAL A 56 -15.48 0.24 5.61
CA VAL A 56 -16.53 0.34 4.61
C VAL A 56 -16.37 1.60 3.77
N ALA A 57 -16.05 2.72 4.46
CA ALA A 57 -15.95 3.99 3.74
C ALA A 57 -14.83 3.99 2.70
N ASN A 58 -13.75 3.22 2.92
CA ASN A 58 -12.72 3.13 1.88
C ASN A 58 -13.35 2.64 0.57
N ARG A 59 -14.26 1.66 0.66
CA ARG A 59 -14.90 1.15 -0.56
C ARG A 59 -15.95 2.10 -1.09
N THR A 60 -16.76 2.69 -0.18
N THR A 60 -16.76 2.70 -0.22
CA THR A 60 -17.79 3.62 -0.60
CA THR A 60 -17.81 3.55 -0.77
C THR A 60 -17.18 4.78 -1.36
C THR A 60 -17.24 4.86 -1.31
N ALA A 61 -16.07 5.30 -0.82
CA ALA A 61 -15.43 6.46 -1.43
C ALA A 61 -14.99 6.16 -2.86
N LEU A 62 -14.38 4.99 -3.12
CA LEU A 62 -13.98 4.70 -4.50
C LEU A 62 -15.18 4.49 -5.38
N GLU A 63 -16.25 3.89 -4.84
CA GLU A 63 -17.43 3.63 -5.68
C GLU A 63 -18.13 4.91 -6.08
N ARG A 64 -17.93 6.01 -5.35
CA ARG A 64 -18.58 7.27 -5.70
C ARG A 64 -17.83 8.02 -6.79
N VAL A 65 -16.59 7.65 -7.13
CA VAL A 65 -15.75 8.40 -8.06
C VAL A 65 -16.05 7.89 -9.45
N PHE A 66 -16.39 8.78 -10.37
CA PHE A 66 -16.51 8.40 -11.77
C PHE A 66 -15.47 9.17 -12.56
N VAL A 67 -14.90 8.52 -13.59
CA VAL A 67 -13.90 9.13 -14.43
C VAL A 67 -14.54 9.75 -15.66
N ILE A 68 -14.04 10.90 -16.10
CA ILE A 68 -14.44 11.47 -17.39
C ILE A 68 -13.36 11.12 -18.42
N PRO A 69 -13.57 10.10 -19.26
CA PRO A 69 -12.52 9.65 -20.17
C PRO A 69 -12.33 10.60 -21.35
N ARG A 70 -11.14 10.55 -21.92
CA ARG A 70 -10.85 11.30 -23.12
C ARG A 70 -10.83 10.34 -24.29
N MET A 71 -11.20 10.87 -25.44
CA MET A 71 -11.26 10.00 -26.61
C MET A 71 -10.27 10.49 -27.67
N LEU A 72 -10.04 9.59 -28.63
CA LEU A 72 -9.42 9.93 -29.93
C LEU A 72 -7.95 10.34 -29.75
N ARG A 73 -7.30 9.86 -28.67
CA ARG A 73 -5.87 10.09 -28.45
CA ARG A 73 -5.86 10.11 -28.51
C ARG A 73 -5.07 8.89 -28.95
N ASP A 74 -3.81 9.13 -29.27
CA ASP A 74 -2.91 8.08 -29.74
C ASP A 74 -2.67 7.07 -28.63
N LEU A 75 -2.96 5.83 -28.91
CA LEU A 75 -2.78 4.74 -27.95
C LEU A 75 -1.84 3.69 -28.53
N THR A 76 -0.92 4.14 -29.40
CA THR A 76 -0.03 3.19 -30.08
C THR A 76 0.82 2.45 -29.08
N ASP A 77 1.24 3.13 -28.00
CA ASP A 77 2.18 2.58 -27.05
C ASP A 77 1.70 2.88 -25.62
N VAL A 78 0.54 2.31 -25.22
CA VAL A 78 0.07 2.52 -23.84
C VAL A 78 1.09 1.87 -22.92
N THR A 79 1.56 2.63 -21.92
CA THR A 79 2.48 2.10 -20.92
C THR A 79 1.95 2.42 -19.53
N THR A 80 1.96 1.42 -18.67
CA THR A 80 1.57 1.60 -17.26
C THR A 80 2.76 1.85 -16.35
N GLU A 81 3.99 2.02 -16.89
CA GLU A 81 5.16 2.18 -16.03
C GLU A 81 5.22 3.56 -15.37
N ILE A 82 5.86 3.59 -14.20
CA ILE A 82 6.17 4.85 -13.55
C ILE A 82 7.61 4.80 -13.08
N ASP A 83 8.16 5.96 -12.81
CA ASP A 83 9.42 6.05 -12.07
C ASP A 83 9.10 6.57 -10.68
N ILE A 84 9.59 5.88 -9.66
CA ILE A 84 9.33 6.36 -8.30
C ILE A 84 10.52 5.99 -7.41
N PHE A 85 10.96 6.94 -6.58
CA PHE A 85 12.08 6.69 -5.62
C PHE A 85 13.29 6.08 -6.32
N GLY A 86 13.62 6.59 -7.49
N GLY A 86 13.61 6.60 -7.50
CA GLY A 86 14.83 6.22 -8.20
CA GLY A 86 14.80 6.28 -8.27
C GLY A 86 14.76 4.95 -9.01
C GLY A 86 14.58 5.35 -9.45
N ARG A 87 13.57 4.47 -9.35
CA ARG A 87 13.53 3.25 -10.15
C ARG A 87 12.21 3.11 -10.89
N ARG A 88 12.25 2.31 -11.96
CA ARG A 88 11.07 2.03 -12.76
C ARG A 88 10.24 0.98 -12.05
N ALA A 89 8.90 1.15 -12.08
CA ALA A 89 7.97 0.11 -11.65
C ALA A 89 7.02 -0.17 -12.80
N ALA A 90 6.58 -1.44 -12.93
CA ALA A 90 5.79 -1.84 -14.10
C ALA A 90 4.38 -1.27 -14.10
N LEU A 91 3.86 -0.89 -12.93
CA LEU A 91 2.52 -0.38 -12.68
C LEU A 91 2.63 0.72 -11.63
N PRO A 92 1.63 1.60 -11.52
CA PRO A 92 1.64 2.61 -10.44
C PRO A 92 1.12 2.00 -9.14
N MET A 93 1.84 0.96 -8.68
CA MET A 93 1.34 0.18 -7.54
CA MET A 93 1.34 0.18 -7.54
C MET A 93 2.51 -0.50 -6.87
N ALA A 94 2.39 -0.65 -5.54
CA ALA A 94 3.31 -1.49 -4.79
C ALA A 94 2.49 -2.37 -3.83
N VAL A 95 3.10 -3.47 -3.36
CA VAL A 95 2.45 -4.33 -2.36
C VAL A 95 2.54 -3.61 -1.01
N ALA A 96 1.37 -3.41 -0.37
CA ALA A 96 1.39 -2.72 0.90
C ALA A 96 2.12 -3.55 1.95
N PRO A 97 2.65 -2.91 2.98
CA PRO A 97 3.16 -3.66 4.14
C PRO A 97 2.03 -4.36 4.90
N VAL A 98 2.06 -5.69 4.97
CA VAL A 98 1.09 -6.47 5.74
C VAL A 98 1.89 -7.42 6.64
N ALA A 99 1.75 -7.27 7.96
CA ALA A 99 2.52 -8.09 8.90
C ALA A 99 2.20 -9.58 8.77
N TYR A 100 3.20 -10.43 9.14
CA TYR A 100 2.93 -11.86 9.48
C TYR A 100 2.32 -12.65 8.30
N GLN A 101 2.97 -12.61 7.12
CA GLN A 101 2.31 -13.22 5.95
C GLN A 101 2.31 -14.76 6.00
N ARG A 102 3.14 -15.38 6.87
CA ARG A 102 3.01 -16.83 7.08
C ARG A 102 1.69 -17.21 7.71
N LEU A 103 0.90 -16.24 8.21
CA LEU A 103 -0.44 -16.58 8.61
C LEU A 103 -1.25 -17.12 7.45
N PHE A 104 -0.94 -16.72 6.21
CA PHE A 104 -1.80 -16.95 5.06
C PHE A 104 -1.32 -18.09 4.17
N HIS A 105 -0.04 -18.42 4.23
CA HIS A 105 0.51 -19.47 3.37
C HIS A 105 1.86 -19.80 3.96
N PRO A 106 2.32 -21.06 3.87
CA PRO A 106 3.61 -21.39 4.48
C PRO A 106 4.81 -20.63 3.96
N GLU A 107 4.84 -20.25 2.68
CA GLU A 107 5.98 -19.52 2.16
C GLU A 107 5.89 -18.03 2.51
N GLY A 108 4.75 -17.59 3.00
CA GLY A 108 4.69 -16.20 3.52
C GLY A 108 5.28 -15.14 2.61
N GLU A 109 6.07 -14.27 3.23
CA GLU A 109 6.65 -13.14 2.51
C GLU A 109 7.49 -13.55 1.31
N LEU A 110 8.17 -14.72 1.36
CA LEU A 110 9.00 -15.04 0.20
C LEU A 110 8.16 -15.25 -1.04
N ALA A 111 6.97 -15.86 -0.90
CA ALA A 111 6.10 -16.10 -2.05
C ALA A 111 5.63 -14.77 -2.64
N VAL A 112 5.24 -13.86 -1.76
CA VAL A 112 4.77 -12.58 -2.28
C VAL A 112 5.89 -11.77 -2.90
N ALA A 113 7.06 -11.73 -2.26
CA ALA A 113 8.16 -10.94 -2.78
C ALA A 113 8.68 -11.50 -4.11
N ARG A 114 8.69 -12.84 -4.25
CA ARG A 114 9.08 -13.41 -5.55
C ARG A 114 8.12 -13.00 -6.67
N ALA A 115 6.81 -13.08 -6.40
CA ALA A 115 5.81 -12.71 -7.43
C ALA A 115 5.91 -11.22 -7.75
N ALA A 116 6.12 -10.38 -6.71
CA ALA A 116 6.25 -8.94 -6.95
C ALA A 116 7.47 -8.63 -7.80
N ARG A 117 8.61 -9.25 -7.47
CA ARG A 117 9.81 -9.08 -8.27
C ARG A 117 9.53 -9.45 -9.72
N ASP A 118 8.87 -10.59 -9.93
CA ASP A 118 8.70 -11.06 -11.31
C ASP A 118 7.76 -10.17 -12.08
N ALA A 119 6.84 -9.51 -11.37
CA ALA A 119 5.88 -8.59 -12.01
C ALA A 119 6.42 -7.16 -12.13
N GLY A 120 7.58 -6.88 -11.57
CA GLY A 120 8.13 -5.54 -11.65
C GLY A 120 7.44 -4.55 -10.72
N VAL A 121 6.92 -5.02 -9.61
CA VAL A 121 6.15 -4.23 -8.63
CA VAL A 121 6.31 -4.06 -8.70
C VAL A 121 6.99 -4.15 -7.36
N PRO A 122 7.15 -2.98 -6.71
CA PRO A 122 7.84 -2.95 -5.43
C PRO A 122 7.08 -3.72 -4.37
N TYR A 123 7.84 -4.38 -3.48
CA TYR A 123 7.28 -5.11 -2.35
C TYR A 123 7.74 -4.44 -1.06
N THR A 124 6.79 -4.14 -0.14
CA THR A 124 7.20 -3.51 1.13
C THR A 124 7.43 -4.57 2.20
N ILE A 125 8.71 -4.72 2.63
CA ILE A 125 9.05 -5.63 3.72
C ILE A 125 8.65 -5.01 5.05
N CYS A 126 7.95 -5.76 5.89
CA CYS A 126 7.39 -5.27 7.19
C CYS A 126 8.40 -5.40 8.32
N THR A 127 8.41 -4.39 9.20
CA THR A 127 9.02 -4.57 10.53
C THR A 127 8.56 -5.86 11.19
N LEU A 128 7.26 -6.20 11.11
CA LEU A 128 6.69 -7.42 11.72
C LEU A 128 6.56 -8.52 10.67
N SER A 129 7.58 -8.68 9.83
CA SER A 129 7.54 -9.81 8.89
C SER A 129 7.81 -11.13 9.59
N SER A 130 7.24 -12.21 9.04
CA SER A 130 7.42 -13.54 9.65
C SER A 130 8.57 -14.31 9.00
N VAL A 131 9.25 -13.69 8.07
CA VAL A 131 10.54 -14.11 7.51
C VAL A 131 11.47 -12.89 7.65
N SER A 132 12.75 -13.11 7.96
CA SER A 132 13.62 -11.95 8.20
C SER A 132 13.78 -11.05 6.99
N LEU A 133 13.98 -9.75 7.25
CA LEU A 133 14.08 -8.81 6.14
C LEU A 133 15.25 -9.12 5.23
N GLU A 134 16.36 -9.72 5.75
CA GLU A 134 17.45 -10.01 4.85
C GLU A 134 17.11 -11.13 3.88
N GLU A 135 16.43 -12.15 4.36
CA GLU A 135 15.97 -13.22 3.46
C GLU A 135 15.02 -12.70 2.40
N ILE A 136 14.06 -11.82 2.80
CA ILE A 136 13.15 -11.35 1.77
C ILE A 136 13.88 -10.46 0.78
N ALA A 137 14.79 -9.59 1.27
CA ALA A 137 15.53 -8.74 0.36
C ALA A 137 16.40 -9.54 -0.61
N ALA A 138 16.89 -10.70 -0.16
CA ALA A 138 17.69 -11.56 -1.05
C ALA A 138 16.88 -12.11 -2.22
N VAL A 139 15.55 -12.13 -2.15
CA VAL A 139 14.75 -12.46 -3.32
C VAL A 139 15.09 -11.55 -4.49
N GLY A 140 15.46 -10.30 -4.21
CA GLY A 140 15.73 -9.35 -5.27
C GLY A 140 14.56 -8.43 -5.51
N GLY A 141 14.47 -7.90 -6.72
CA GLY A 141 13.34 -7.01 -7.04
C GLY A 141 13.54 -5.63 -6.43
N ARG A 142 12.40 -4.96 -6.14
CA ARG A 142 12.50 -3.60 -5.60
CA ARG A 142 12.40 -3.59 -5.63
C ARG A 142 12.01 -3.60 -4.16
N PRO A 143 12.83 -4.01 -3.18
CA PRO A 143 12.21 -4.09 -1.84
C PRO A 143 12.25 -2.69 -1.20
N TRP A 144 11.10 -2.29 -0.63
CA TRP A 144 11.08 -1.20 0.34
C TRP A 144 10.98 -1.78 1.73
N PHE A 145 11.26 -0.96 2.75
CA PHE A 145 11.14 -1.47 4.11
C PHE A 145 10.21 -0.58 4.92
N GLN A 146 9.25 -1.19 5.62
CA GLN A 146 8.29 -0.43 6.44
C GLN A 146 8.75 -0.48 7.89
N LEU A 147 8.92 0.69 8.49
CA LEU A 147 9.39 0.85 9.87
C LEU A 147 8.24 1.16 10.82
N PHE A 148 8.20 0.48 11.97
CA PHE A 148 7.50 0.94 13.16
C PHE A 148 8.54 1.46 14.14
N TRP A 149 8.21 2.58 14.79
CA TRP A 149 9.11 3.11 15.83
C TRP A 149 8.98 2.22 17.08
N LEU A 150 10.12 1.91 17.66
CA LEU A 150 10.20 1.05 18.84
C LEU A 150 10.44 1.89 20.09
N ARG A 151 9.89 1.43 21.23
CA ARG A 151 10.20 2.07 22.51
C ARG A 151 11.69 2.10 22.72
N ASP A 152 12.35 0.99 22.44
CA ASP A 152 13.78 1.06 22.34
C ASP A 152 14.07 1.78 21.03
N GLU A 153 14.35 3.08 21.10
CA GLU A 153 14.74 3.82 19.89
C GLU A 153 15.80 3.07 19.10
N LYS A 154 16.92 2.72 19.74
CA LYS A 154 18.12 2.34 18.98
C LYS A 154 17.84 1.16 18.07
N ARG A 155 16.98 0.26 18.52
CA ARG A 155 16.48 -0.80 17.67
C ARG A 155 15.83 -0.24 16.40
N SER A 156 15.23 0.98 16.46
CA SER A 156 14.59 1.58 15.29
CA SER A 156 14.59 1.49 15.27
C SER A 156 15.61 1.94 14.24
N LEU A 157 16.62 2.71 14.62
CA LEU A 157 17.60 3.12 13.64
C LEU A 157 18.43 1.92 13.20
N ASP A 158 18.52 0.89 14.05
CA ASP A 158 19.20 -0.35 13.65
C ASP A 158 18.42 -1.09 12.57
N LEU A 159 17.09 -1.17 12.69
CA LEU A 159 16.30 -1.79 11.63
C LEU A 159 16.50 -1.00 10.36
N VAL A 160 16.50 0.34 10.45
CA VAL A 160 16.66 1.12 9.23
C VAL A 160 17.99 0.76 8.57
N ARG A 161 19.06 0.76 9.35
CA ARG A 161 20.38 0.46 8.77
C ARG A 161 20.42 -0.97 8.23
N ARG A 162 19.82 -1.92 8.94
CA ARG A 162 19.72 -3.29 8.41
C ARG A 162 19.02 -3.29 7.07
N ALA A 163 17.90 -2.56 6.97
CA ALA A 163 17.19 -2.56 5.71
C ALA A 163 18.05 -1.98 4.61
N GLU A 164 18.73 -0.87 4.88
CA GLU A 164 19.54 -0.23 3.86
C GLU A 164 20.69 -1.16 3.43
N ASP A 165 21.35 -1.75 4.42
CA ASP A 165 22.44 -2.70 4.14
C ASP A 165 21.96 -3.87 3.30
N ALA A 166 20.71 -4.33 3.49
CA ALA A 166 20.18 -5.44 2.70
C ALA A 166 19.69 -5.05 1.30
N GLY A 167 19.73 -3.77 0.92
CA GLY A 167 19.32 -3.32 -0.39
C GLY A 167 17.92 -2.74 -0.50
N CYS A 168 17.27 -2.43 0.62
CA CYS A 168 15.95 -1.78 0.48
C CYS A 168 16.16 -0.37 -0.04
N GLU A 169 15.16 0.11 -0.79
N GLU A 169 15.19 0.13 -0.81
CA GLU A 169 15.28 1.32 -1.60
CA GLU A 169 15.41 1.39 -1.53
C GLU A 169 14.60 2.51 -0.95
C GLU A 169 14.51 2.51 -1.05
N ALA A 170 13.71 2.28 0.00
CA ALA A 170 12.93 3.36 0.61
C ALA A 170 12.52 2.89 1.99
N ILE A 171 12.33 3.85 2.92
CA ILE A 171 11.92 3.52 4.26
C ILE A 171 10.49 4.03 4.37
N VAL A 172 9.54 3.13 4.52
CA VAL A 172 8.13 3.53 4.66
C VAL A 172 7.87 3.58 6.15
N PHE A 173 7.79 4.79 6.70
CA PHE A 173 7.65 4.94 8.16
C PHE A 173 6.15 5.04 8.44
N THR A 174 5.59 4.01 9.09
CA THR A 174 4.14 4.01 9.36
C THR A 174 3.95 4.80 10.64
N VAL A 175 3.10 5.83 10.56
CA VAL A 175 3.02 6.77 11.68
C VAL A 175 1.68 6.74 12.38
N ASP A 176 0.75 5.85 12.01
CA ASP A 176 -0.63 5.84 12.51
C ASP A 176 -0.87 4.75 13.54
N VAL A 177 0.20 4.17 14.11
CA VAL A 177 0.05 3.06 15.07
C VAL A 177 0.81 3.38 16.34
N PRO A 178 0.34 4.33 17.16
CA PRO A 178 0.96 4.46 18.49
C PRO A 178 0.65 3.24 19.32
N TRP A 179 -0.44 2.57 18.97
CA TRP A 179 -0.86 1.27 19.48
C TRP A 179 -1.87 0.70 18.50
N MET A 180 -2.15 -0.59 18.64
CA MET A 180 -3.11 -1.24 17.75
CA MET A 180 -3.12 -1.24 17.74
C MET A 180 -4.53 -0.78 18.07
N GLY A 181 -5.31 -0.50 17.01
CA GLY A 181 -6.71 -0.17 17.21
C GLY A 181 -7.53 -1.33 17.76
N ARG A 182 -8.81 -1.05 18.03
CA ARG A 182 -9.70 -2.03 18.68
C ARG A 182 -10.30 -2.96 17.64
N ARG A 183 -9.74 -4.18 17.50
CA ARG A 183 -10.16 -5.10 16.42
C ARG A 183 -11.21 -6.04 16.98
N LEU A 184 -12.48 -5.66 16.87
CA LEU A 184 -13.51 -6.43 17.60
C LEU A 184 -13.64 -7.85 17.07
N ARG A 185 -13.37 -8.07 15.78
CA ARG A 185 -13.40 -9.47 15.32
C ARG A 185 -12.37 -10.30 16.07
N ASP A 186 -11.14 -9.75 16.18
CA ASP A 186 -10.07 -10.47 16.86
C ASP A 186 -10.41 -10.71 18.32
N MET A 187 -10.95 -9.69 19.00
CA MET A 187 -11.38 -9.87 20.39
C MET A 187 -12.44 -10.97 20.50
N ARG A 188 -13.44 -10.94 19.63
CA ARG A 188 -14.54 -11.90 19.72
C ARG A 188 -14.07 -13.30 19.35
N ASN A 189 -13.10 -13.41 18.45
CA ASN A 189 -12.56 -14.72 18.06
C ASN A 189 -11.52 -15.22 19.04
N GLY A 190 -11.07 -14.39 19.96
CA GLY A 190 -9.89 -14.72 20.77
C GLY A 190 -8.64 -14.97 19.96
N PHE A 191 -8.39 -14.13 18.96
CA PHE A 191 -7.31 -14.39 18.01
C PHE A 191 -5.94 -14.11 18.59
N ALA A 192 -5.00 -15.01 18.32
CA ALA A 192 -3.60 -14.78 18.63
C ALA A 192 -2.75 -15.46 17.58
N LEU A 193 -1.49 -15.04 17.48
CA LEU A 193 -0.55 -15.64 16.54
C LEU A 193 -0.36 -17.12 16.83
N PRO A 194 -0.44 -17.99 15.84
CA PRO A 194 -0.03 -19.38 16.01
C PRO A 194 1.41 -19.43 16.48
N GLU A 195 1.76 -20.55 17.12
CA GLU A 195 3.12 -20.72 17.61
C GLU A 195 4.13 -20.66 16.49
N TRP A 196 3.72 -21.07 15.28
CA TRP A 196 4.64 -21.16 14.15
C TRP A 196 4.80 -19.84 13.41
N VAL A 197 4.16 -18.75 13.84
CA VAL A 197 4.36 -17.44 13.22
C VAL A 197 5.03 -16.54 14.24
N THR A 198 6.19 -15.99 13.89
CA THR A 198 6.88 -15.06 14.77
C THR A 198 7.31 -13.80 14.01
N ALA A 199 7.66 -12.75 14.78
CA ALA A 199 8.30 -11.54 14.25
C ALA A 199 9.76 -11.83 14.03
N ALA A 200 10.05 -12.30 12.80
CA ALA A 200 11.38 -12.82 12.47
C ALA A 200 12.49 -11.79 12.50
N ASN A 201 12.21 -10.47 12.53
CA ASN A 201 13.30 -9.51 12.60
C ASN A 201 13.82 -9.32 14.02
N PHE A 202 13.19 -9.96 14.98
CA PHE A 202 13.55 -9.78 16.43
C PHE A 202 14.11 -11.06 17.07
N PHE A 226 4.59 -0.96 20.58
CA PHE A 226 4.75 0.25 19.76
C PHE A 226 5.13 1.45 20.64
N ALA A 227 6.07 2.32 20.16
CA ALA A 227 6.14 3.62 20.77
C ALA A 227 5.53 4.64 19.84
N PRO A 228 4.90 5.70 20.34
CA PRO A 228 4.41 6.72 19.43
C PRO A 228 5.59 7.37 18.72
N ALA A 229 5.50 7.44 17.41
CA ALA A 229 6.51 8.23 16.71
C ALA A 229 6.11 9.70 16.74
N THR A 230 7.11 10.57 16.66
CA THR A 230 6.87 12.01 16.53
C THR A 230 7.69 12.58 15.36
N TRP A 231 7.51 13.87 15.08
CA TRP A 231 8.32 14.50 14.07
C TRP A 231 9.79 14.41 14.40
N GLU A 232 10.15 14.34 15.70
CA GLU A 232 11.55 14.16 16.05
CA GLU A 232 11.54 14.14 16.10
C GLU A 232 12.06 12.81 15.59
N SER A 233 11.21 11.78 15.66
CA SER A 233 11.59 10.44 15.15
C SER A 233 11.83 10.48 13.67
N VAL A 234 10.95 11.17 12.94
CA VAL A 234 11.14 11.33 11.50
C VAL A 234 12.50 11.94 11.21
N GLU A 235 12.86 13.00 11.95
CA GLU A 235 14.15 13.63 11.70
C GLU A 235 15.29 12.68 12.04
N ALA A 236 15.15 11.90 13.10
CA ALA A 236 16.18 10.91 13.42
C ALA A 236 16.36 9.93 12.28
N VAL A 237 15.25 9.50 11.68
CA VAL A 237 15.34 8.54 10.57
C VAL A 237 15.97 9.20 9.35
N ARG A 238 15.52 10.43 9.01
CA ARG A 238 15.99 11.15 7.83
C ARG A 238 17.49 11.38 7.92
N ALA A 239 17.99 11.60 9.13
CA ALA A 239 19.42 11.80 9.37
C ALA A 239 20.22 10.50 9.28
N HIS A 240 19.59 9.36 9.53
CA HIS A 240 20.28 8.10 9.62
C HIS A 240 20.45 7.42 8.27
N THR A 241 19.79 7.90 7.23
CA THR A 241 19.78 7.18 5.96
C THR A 241 19.68 8.17 4.83
N ASP A 242 20.30 7.83 3.71
CA ASP A 242 20.09 8.60 2.50
C ASP A 242 18.92 8.08 1.67
N LEU A 243 18.27 6.99 2.10
CA LEU A 243 17.11 6.51 1.34
C LEU A 243 15.94 7.48 1.52
N PRO A 244 15.03 7.53 0.55
CA PRO A 244 13.81 8.32 0.73
C PRO A 244 13.01 7.77 1.87
N VAL A 245 12.50 8.69 2.72
CA VAL A 245 11.62 8.38 3.83
C VAL A 245 10.20 8.73 3.41
N VAL A 246 9.31 7.77 3.55
CA VAL A 246 7.93 7.89 3.06
C VAL A 246 7.04 7.78 4.28
N LEU A 247 6.23 8.82 4.60
CA LEU A 247 5.45 8.71 5.83
C LEU A 247 4.06 8.16 5.49
N LYS A 248 3.72 7.02 6.09
CA LYS A 248 2.50 6.31 5.75
C LYS A 248 1.45 6.45 6.85
N GLY A 249 0.26 6.92 6.50
CA GLY A 249 -0.80 7.14 7.45
C GLY A 249 -1.16 8.61 7.60
N ILE A 250 -0.74 9.46 6.67
CA ILE A 250 -1.05 10.91 6.72
C ILE A 250 -2.45 11.10 6.14
N LEU A 251 -3.27 11.92 6.83
CA LEU A 251 -4.60 12.22 6.29
C LEU A 251 -4.88 13.73 6.31
N ALA A 252 -4.24 14.45 7.25
CA ALA A 252 -4.50 15.90 7.33
C ALA A 252 -3.62 16.64 6.33
N VAL A 253 -4.20 17.67 5.70
CA VAL A 253 -3.45 18.46 4.73
C VAL A 253 -2.22 19.09 5.37
N GLU A 254 -2.35 19.66 6.57
CA GLU A 254 -1.18 20.26 7.16
C GLU A 254 -0.11 19.25 7.55
N ASP A 255 -0.49 17.99 7.83
CA ASP A 255 0.54 16.99 8.05
C ASP A 255 1.27 16.65 6.74
N ALA A 256 0.57 16.66 5.61
CA ALA A 256 1.24 16.43 4.35
C ALA A 256 2.21 17.55 4.07
N ARG A 257 1.79 18.82 4.32
CA ARG A 257 2.72 19.92 4.12
C ARG A 257 3.94 19.81 5.02
N ARG A 258 3.72 19.48 6.30
CA ARG A 258 4.81 19.33 7.23
C ARG A 258 5.74 18.20 6.81
N ALA A 259 5.17 17.11 6.25
CA ALA A 259 6.03 16.03 5.77
C ALA A 259 6.99 16.52 4.71
N VAL A 260 6.52 17.36 3.77
CA VAL A 260 7.42 17.89 2.76
C VAL A 260 8.50 18.73 3.43
N ASP A 261 8.07 19.59 4.37
CA ASP A 261 9.03 20.47 5.07
C ASP A 261 10.06 19.66 5.85
N ALA A 262 9.67 18.50 6.38
CA ALA A 262 10.52 17.59 7.13
C ALA A 262 11.47 16.79 6.26
N GLY A 263 11.38 16.88 4.95
CA GLY A 263 12.32 16.21 4.08
C GLY A 263 11.85 14.82 3.65
N ALA A 264 10.60 14.49 3.89
CA ALA A 264 10.06 13.24 3.33
C ALA A 264 10.14 13.20 1.81
N GLY A 265 10.49 12.01 1.28
CA GLY A 265 10.43 11.81 -0.16
C GLY A 265 9.07 11.40 -0.65
N GLY A 266 8.19 11.00 0.27
CA GLY A 266 6.84 10.67 -0.14
C GLY A 266 5.96 10.59 1.08
N ILE A 267 4.65 10.51 0.83
CA ILE A 267 3.68 10.18 1.86
C ILE A 267 2.72 9.12 1.30
N VAL A 268 2.14 8.31 2.19
CA VAL A 268 1.03 7.44 1.79
C VAL A 268 -0.20 7.94 2.52
N VAL A 269 -1.14 8.48 1.77
CA VAL A 269 -2.40 8.97 2.29
C VAL A 269 -3.26 7.75 2.59
N SER A 270 -3.58 7.54 3.89
CA SER A 270 -4.02 6.20 4.28
C SER A 270 -4.69 6.26 5.63
N ASN A 271 -5.77 5.46 5.83
CA ASN A 271 -6.28 5.26 7.19
C ASN A 271 -6.00 3.82 7.67
N HIS A 272 -4.93 3.22 7.15
CA HIS A 272 -4.49 1.87 7.60
C HIS A 272 -5.57 0.85 7.30
N GLY A 273 -6.19 0.96 6.11
CA GLY A 273 -7.20 -0.04 5.76
C GLY A 273 -8.36 -0.11 6.73
N GLY A 274 -8.66 1.00 7.42
CA GLY A 274 -9.76 1.05 8.36
C GLY A 274 -9.51 0.27 9.63
N ARG A 275 -8.24 0.02 9.92
CA ARG A 275 -7.89 -0.83 11.06
C ARG A 275 -7.43 -0.05 12.29
N GLN A 276 -7.28 1.29 12.18
CA GLN A 276 -6.74 2.05 13.30
C GLN A 276 -7.84 2.94 13.87
N LEU A 277 -7.90 4.22 13.55
CA LEU A 277 -9.02 5.02 14.08
C LEU A 277 -10.29 4.69 13.33
N ASP A 278 -11.33 4.20 14.04
CA ASP A 278 -12.61 3.93 13.40
C ASP A 278 -13.34 5.26 13.23
N GLY A 279 -13.64 5.61 12.00
CA GLY A 279 -14.18 6.93 11.74
C GLY A 279 -13.17 7.88 11.13
N ALA A 280 -11.93 7.43 10.94
CA ALA A 280 -10.99 8.22 10.15
C ALA A 280 -11.47 8.29 8.70
N VAL A 281 -11.36 9.48 8.13
CA VAL A 281 -11.68 9.69 6.71
C VAL A 281 -10.88 8.74 5.82
N PRO A 282 -11.46 8.27 4.70
CA PRO A 282 -10.67 7.53 3.72
C PRO A 282 -9.60 8.40 3.10
N GLY A 283 -8.44 7.78 2.85
CA GLY A 283 -7.38 8.51 2.17
C GLY A 283 -7.84 9.08 0.83
N ILE A 284 -8.63 8.30 0.07
CA ILE A 284 -9.02 8.76 -1.25
CA ILE A 284 -9.07 8.73 -1.26
C ILE A 284 -9.83 10.05 -1.17
N GLU A 285 -10.50 10.30 -0.03
CA GLU A 285 -11.27 11.54 0.09
CA GLU A 285 -11.26 11.54 0.10
C GLU A 285 -10.39 12.73 0.42
N MET A 286 -9.19 12.51 0.98
CA MET A 286 -8.27 13.61 1.23
C MET A 286 -7.25 13.80 0.11
N LEU A 287 -7.16 12.84 -0.82
CA LEU A 287 -6.02 12.80 -1.73
C LEU A 287 -5.90 14.07 -2.58
N GLY A 288 -7.01 14.52 -3.17
CA GLY A 288 -6.92 15.66 -4.09
C GLY A 288 -6.46 16.91 -3.37
N GLU A 289 -6.98 17.14 -2.17
CA GLU A 289 -6.58 18.30 -1.39
CA GLU A 289 -6.59 18.30 -1.37
C GLU A 289 -5.10 18.22 -1.00
N ILE A 290 -4.64 17.02 -0.66
CA ILE A 290 -3.24 16.85 -0.29
C ILE A 290 -2.33 17.04 -1.50
N VAL A 291 -2.72 16.47 -2.66
CA VAL A 291 -1.86 16.62 -3.85
C VAL A 291 -1.70 18.10 -4.19
N ALA A 292 -2.79 18.86 -4.06
CA ALA A 292 -2.70 20.30 -4.32
C ALA A 292 -1.81 21.02 -3.33
N ALA A 293 -1.89 20.66 -2.04
CA ALA A 293 -1.11 21.32 -0.99
C ALA A 293 0.38 21.03 -1.12
N VAL A 294 0.74 19.84 -1.57
CA VAL A 294 2.19 19.61 -1.59
CA VAL A 294 2.12 19.40 -1.70
C VAL A 294 2.83 20.09 -2.88
N SER A 295 2.02 20.27 -3.93
N SER A 295 2.09 20.50 -3.90
CA SER A 295 2.40 20.95 -5.18
CA SER A 295 2.70 21.18 -5.06
C SER A 295 3.72 20.41 -5.74
C SER A 295 3.94 20.42 -5.60
N GLY A 296 3.81 19.10 -5.78
CA GLY A 296 4.94 18.34 -6.34
C GLY A 296 6.14 18.20 -5.45
N GLY A 297 6.03 18.62 -4.18
CA GLY A 297 7.13 18.56 -3.25
C GLY A 297 7.54 17.17 -2.78
N CYS A 298 6.68 16.17 -2.94
CA CYS A 298 7.04 14.78 -2.66
C CYS A 298 6.07 13.90 -3.44
N GLU A 299 6.39 12.61 -3.51
CA GLU A 299 5.44 11.65 -4.09
C GLU A 299 4.26 11.48 -3.15
N VAL A 300 3.06 11.35 -3.71
CA VAL A 300 1.85 11.18 -2.90
C VAL A 300 1.17 9.89 -3.31
N LEU A 301 1.30 8.86 -2.48
CA LEU A 301 0.67 7.58 -2.72
C LEU A 301 -0.65 7.54 -1.92
N VAL A 302 -1.50 6.57 -2.24
CA VAL A 302 -2.74 6.39 -1.47
C VAL A 302 -2.96 4.90 -1.31
N ASP A 303 -3.66 4.53 -0.25
CA ASP A 303 -4.12 3.13 -0.15
C ASP A 303 -5.46 3.07 0.52
N GLY A 304 -5.99 1.85 0.58
CA GLY A 304 -7.28 1.60 1.21
C GLY A 304 -8.34 1.27 0.16
N GLY A 305 -8.77 0.00 0.07
CA GLY A 305 -9.88 -0.31 -0.81
C GLY A 305 -9.58 -0.50 -2.28
N ILE A 306 -8.33 -0.45 -2.74
CA ILE A 306 -8.08 -0.67 -4.17
C ILE A 306 -8.41 -2.13 -4.53
N ARG A 307 -9.38 -2.32 -5.42
CA ARG A 307 -9.85 -3.68 -5.74
C ARG A 307 -9.89 -3.93 -7.24
N SER A 308 -9.32 -3.04 -8.05
CA SER A 308 -9.31 -3.25 -9.49
C SER A 308 -8.36 -2.25 -10.12
N GLY A 309 -8.04 -2.51 -11.38
CA GLY A 309 -7.31 -1.53 -12.18
C GLY A 309 -8.10 -0.25 -12.39
N GLY A 310 -9.42 -0.33 -12.43
CA GLY A 310 -10.20 0.88 -12.51
C GLY A 310 -10.05 1.71 -11.25
N ASP A 311 -9.94 1.05 -10.08
CA ASP A 311 -9.69 1.84 -8.85
C ASP A 311 -8.31 2.50 -8.91
N VAL A 312 -7.31 1.80 -9.46
CA VAL A 312 -6.00 2.44 -9.65
C VAL A 312 -6.16 3.66 -10.53
N LEU A 313 -6.90 3.53 -11.65
CA LEU A 313 -7.12 4.71 -12.50
C LEU A 313 -7.76 5.84 -11.72
N LYS A 314 -8.78 5.55 -10.89
CA LYS A 314 -9.43 6.65 -10.15
C LYS A 314 -8.45 7.34 -9.21
N ALA A 315 -7.63 6.55 -8.49
CA ALA A 315 -6.63 7.14 -7.60
C ALA A 315 -5.65 8.00 -8.38
N THR A 316 -5.19 7.53 -9.57
CA THR A 316 -4.30 8.33 -10.40
CA THR A 316 -4.27 8.38 -10.31
C THR A 316 -4.97 9.63 -10.83
N ALA A 317 -6.23 9.52 -11.24
CA ALA A 317 -6.93 10.72 -11.72
C ALA A 317 -7.12 11.72 -10.60
N LEU A 318 -7.20 11.24 -9.37
CA LEU A 318 -7.27 12.18 -8.23
C LEU A 318 -5.91 12.69 -7.84
N GLY A 319 -4.85 12.22 -8.47
CA GLY A 319 -3.54 12.82 -8.28
C GLY A 319 -2.50 11.93 -7.65
N ALA A 320 -2.82 10.67 -7.30
CA ALA A 320 -1.81 9.78 -6.70
C ALA A 320 -0.67 9.47 -7.67
N SER A 321 0.55 9.42 -7.11
CA SER A 321 1.73 8.92 -7.82
C SER A 321 1.62 7.41 -8.04
N ALA A 322 1.03 6.69 -7.08
CA ALA A 322 0.90 5.23 -7.11
C ALA A 322 -0.01 4.83 -5.96
N VAL A 323 -0.43 3.57 -5.95
CA VAL A 323 -1.27 3.07 -4.87
C VAL A 323 -0.54 1.96 -4.15
N LEU A 324 -0.95 1.66 -2.92
CA LEU A 324 -0.62 0.36 -2.31
C LEU A 324 -1.85 -0.52 -2.31
N VAL A 325 -1.62 -1.84 -2.39
CA VAL A 325 -2.71 -2.85 -2.35
C VAL A 325 -2.34 -3.81 -1.24
N GLY A 326 -3.26 -3.99 -0.27
CA GLY A 326 -2.99 -4.84 0.90
C GLY A 326 -3.76 -6.14 0.82
N ARG A 327 -5.01 -6.12 1.26
CA ARG A 327 -5.74 -7.39 1.39
C ARG A 327 -5.78 -8.24 0.13
N PRO A 328 -6.01 -7.72 -1.07
CA PRO A 328 -6.06 -8.61 -2.25
C PRO A 328 -4.79 -9.42 -2.45
N VAL A 329 -3.62 -8.88 -2.11
CA VAL A 329 -2.38 -9.63 -2.27
C VAL A 329 -2.39 -10.83 -1.32
N MET A 330 -2.91 -10.64 -0.11
CA MET A 330 -3.00 -11.74 0.84
C MET A 330 -4.04 -12.74 0.42
N TRP A 331 -5.13 -12.28 -0.24
CA TRP A 331 -6.10 -13.26 -0.76
C TRP A 331 -5.44 -14.19 -1.77
N ALA A 332 -4.68 -13.62 -2.69
CA ALA A 332 -4.01 -14.42 -3.72
C ALA A 332 -2.98 -15.37 -3.09
N LEU A 333 -2.20 -14.86 -2.14
CA LEU A 333 -1.25 -15.71 -1.40
C LEU A 333 -1.98 -16.87 -0.72
N ALA A 334 -3.07 -16.58 -0.04
CA ALA A 334 -3.80 -17.68 0.63
C ALA A 334 -4.33 -18.66 -0.38
N ALA A 335 -4.84 -18.16 -1.50
CA ALA A 335 -5.53 -19.03 -2.46
C ALA A 335 -4.55 -19.97 -3.15
N ALA A 336 -3.37 -19.47 -3.51
CA ALA A 336 -2.50 -20.24 -4.43
C ALA A 336 -1.02 -19.85 -4.30
N GLY A 337 -0.60 -19.30 -3.17
CA GLY A 337 0.84 -19.05 -2.91
C GLY A 337 1.44 -18.11 -3.93
N GLN A 338 2.72 -18.34 -4.29
CA GLN A 338 3.40 -17.45 -5.22
C GLN A 338 2.65 -17.36 -6.56
N ASP A 339 2.20 -18.50 -7.09
CA ASP A 339 1.49 -18.46 -8.37
CA ASP A 339 1.52 -18.42 -8.37
C ASP A 339 0.20 -17.65 -8.26
N GLY A 340 -0.46 -17.69 -7.10
CA GLY A 340 -1.67 -16.88 -6.90
C GLY A 340 -1.34 -15.40 -6.97
N VAL A 341 -0.27 -15.01 -6.30
CA VAL A 341 0.10 -13.59 -6.32
C VAL A 341 0.48 -13.20 -7.74
N ARG A 342 1.22 -14.06 -8.43
CA ARG A 342 1.55 -13.79 -9.83
C ARG A 342 0.28 -13.53 -10.65
N GLN A 343 -0.72 -14.39 -10.51
CA GLN A 343 -1.97 -14.25 -11.27
C GLN A 343 -2.67 -12.96 -10.89
N LEU A 344 -2.70 -12.65 -9.59
CA LEU A 344 -3.27 -11.36 -9.17
C LEU A 344 -2.57 -10.18 -9.84
N LEU A 345 -1.22 -10.15 -9.83
CA LEU A 345 -0.53 -9.00 -10.41
C LEU A 345 -0.70 -8.94 -11.92
N GLU A 346 -0.79 -10.11 -12.59
CA GLU A 346 -1.09 -10.11 -14.02
C GLU A 346 -2.48 -9.55 -14.31
N LEU A 347 -3.45 -9.93 -13.49
CA LEU A 347 -4.83 -9.45 -13.64
C LEU A 347 -4.88 -7.94 -13.38
N LEU A 348 -4.24 -7.50 -12.30
CA LEU A 348 -4.22 -6.04 -12.06
C LEU A 348 -3.55 -5.28 -13.18
N ALA A 349 -2.41 -5.79 -13.69
CA ALA A 349 -1.76 -5.13 -14.80
C ALA A 349 -2.67 -5.02 -16.02
N GLU A 350 -3.37 -6.10 -16.36
CA GLU A 350 -4.28 -6.03 -17.49
C GLU A 350 -5.42 -5.05 -17.21
N GLU A 351 -5.94 -5.03 -15.98
CA GLU A 351 -7.06 -4.11 -15.69
C GLU A 351 -6.58 -2.66 -15.77
N VAL A 352 -5.37 -2.37 -15.28
CA VAL A 352 -4.87 -0.99 -15.36
C VAL A 352 -4.66 -0.57 -16.81
N ARG A 353 -4.04 -1.45 -17.64
CA ARG A 353 -3.86 -1.13 -19.04
C ARG A 353 -5.22 -0.88 -19.70
N ASP A 354 -6.19 -1.79 -19.46
CA ASP A 354 -7.54 -1.67 -20.04
C ASP A 354 -8.16 -0.32 -19.66
N ALA A 355 -8.13 0.00 -18.38
CA ALA A 355 -8.79 1.24 -17.91
C ALA A 355 -8.09 2.47 -18.45
N MET A 356 -6.76 2.44 -18.45
CA MET A 356 -6.02 3.60 -18.99
C MET A 356 -6.37 3.82 -20.45
N GLY A 357 -6.37 2.77 -21.25
CA GLY A 357 -6.57 2.98 -22.66
C GLY A 357 -8.01 3.35 -22.97
N LEU A 358 -8.95 2.72 -22.26
CA LEU A 358 -10.36 3.11 -22.49
C LEU A 358 -10.60 4.54 -22.05
N ALA A 359 -9.77 5.07 -21.13
CA ALA A 359 -9.92 6.48 -20.72
C ALA A 359 -9.06 7.45 -21.57
N GLY A 360 -8.38 6.95 -22.62
CA GLY A 360 -7.60 7.75 -23.50
C GLY A 360 -6.25 8.15 -22.99
N CYS A 361 -5.63 7.32 -22.12
CA CYS A 361 -4.38 7.68 -21.50
C CYS A 361 -3.27 6.75 -21.94
N GLU A 362 -2.27 7.31 -22.61
CA GLU A 362 -1.16 6.45 -23.05
C GLU A 362 -0.10 6.31 -21.97
N SER A 363 -0.19 7.08 -20.90
CA SER A 363 0.80 7.06 -19.83
C SER A 363 0.09 7.35 -18.51
N VAL A 364 0.76 6.99 -17.42
CA VAL A 364 0.20 7.33 -16.11
C VAL A 364 0.13 8.86 -15.91
N GLY A 365 1.08 9.61 -16.43
CA GLY A 365 0.96 11.08 -16.34
C GLY A 365 -0.31 11.61 -16.99
N ALA A 366 -0.68 11.06 -18.15
CA ALA A 366 -1.95 11.47 -18.76
C ALA A 366 -3.13 11.13 -17.87
N ALA A 367 -3.08 9.94 -17.23
CA ALA A 367 -4.18 9.56 -16.34
C ALA A 367 -4.30 10.53 -15.16
N ARG A 368 -3.16 11.03 -14.67
CA ARG A 368 -3.24 12.03 -13.60
C ARG A 368 -3.95 13.30 -14.02
N ARG A 369 -3.98 13.63 -15.32
CA ARG A 369 -4.67 14.82 -15.80
C ARG A 369 -6.13 14.58 -16.13
N LEU A 370 -6.64 13.36 -15.96
CA LEU A 370 -8.06 13.13 -16.13
C LEU A 370 -8.86 13.86 -15.08
N ASN A 371 -10.06 14.29 -15.46
CA ASN A 371 -11.03 14.80 -14.48
C ASN A 371 -12.01 13.71 -14.02
N THR A 372 -12.61 13.94 -12.85
CA THR A 372 -13.54 13.01 -12.21
C THR A 372 -14.78 13.76 -11.81
N LYS A 373 -15.84 12.99 -11.53
CA LYS A 373 -17.12 13.51 -11.05
CA LYS A 373 -17.13 13.51 -11.05
C LYS A 373 -17.60 12.59 -9.95
N LEU A 374 -18.07 13.15 -8.82
CA LEU A 374 -18.68 12.31 -7.78
CA LEU A 374 -18.67 12.28 -7.81
C LEU A 374 -20.11 11.95 -8.14
N GLY A 375 -20.48 10.68 -7.92
CA GLY A 375 -21.82 10.21 -8.19
C GLY A 375 -22.50 9.80 -6.90
N VAL A 376 -23.58 9.01 -7.04
CA VAL A 376 -24.31 8.52 -5.86
C VAL A 376 -24.33 6.99 -5.76
C4 9OC B . 1.84 -3.44 8.91
C6 9OC B . -1.37 -5.03 8.37
C7 9OC B . -1.96 -4.06 7.51
N1 9OC B . 0.49 -1.46 7.62
N3 9OC B . 2.49 -2.30 8.55
C2 9OC B . 1.77 -1.26 7.92
C4A 9OC B . 0.50 -3.61 8.66
C8A 9OC B . -0.16 -2.58 7.93
CAA 9OC B . -4.81 -6.06 6.01
CAB 9OC B . -3.61 -8.05 7.75
CAL 9OC B . -0.38 -4.50 15.64
CAM 9OC B . 0.34 -5.51 14.97
CAN 9OC B . -0.80 -3.35 14.98
CAO 9OC B . 0.63 -5.35 13.60
CAP 9OC B . -0.48 -3.17 13.61
CAQ 9OC B . -3.08 -4.44 6.74
CAR 9OC B . -1.93 -6.31 8.45
CAS 9OC B . 0.52 -4.02 11.53
CAT 9OC B . -4.55 -0.92 2.71
CAU 9OC B . -2.07 -1.73 6.56
CAY 9OC B . -0.44 -4.83 10.51
CAZ 9OC B . -3.63 -5.74 6.84
CBA 9OC B . -3.05 -6.65 7.71
CBB 9OC B . 0.22 -4.19 12.92
CBI 9OC B . -4.03 -1.47 4.05
CBJ 9OC B . -1.70 -1.88 5.02
CBK 9OC B . -2.60 -0.97 4.12
N5 9OC B . -0.29 -4.63 9.09
N8 9OC B . -1.39 -2.79 7.48
O2 9OC B . 2.40 -0.16 7.63
O4 9OC B . 2.52 -4.35 9.47
OAC 9OC B . -1.25 -5.60 11.11
OAE 9OC B . -7.83 -2.23 1.55
OAG 9OC B . -3.97 -2.96 3.90
OAH 9OC B . -0.34 -1.47 4.80
OAI 9OC B . -2.60 0.34 4.70
OAJ 9OC B . -6.08 -3.73 2.47
OAK 9OC B . -5.68 -2.58 0.30
OAX 9OC B . -5.89 -1.25 2.55
PBN 9OC B . -6.37 -2.52 1.61
MG MG C . -5.58 -0.35 -1.21
#